data_6JCT
#
_entry.id   6JCT
#
_cell.length_a   1
_cell.length_b   1
_cell.length_c   1
_cell.angle_alpha   90.00
_cell.angle_beta   90.00
_cell.angle_gamma   90.00
#
_symmetry.space_group_name_H-M   'P 1'
#
_entity_poly.entity_id   1
_entity_poly.type   'polypeptide(L)'
_entity_poly.pdbx_seq_one_letter_code
;DGVGNASGDWHCDSTWMGDRVVTKSTRTWVLPSYNNHQYREIKSGSVDGSNANAYFGYSTPWGYFDFNRFHSHWSPRDWQ
RLINNYWGFRPRSLRVKIFNIQVKEVTVQDSTTTIANNLTSTVQVFTDDDYQLPYVVGNGTEGCLPAFPPQVFTLPQYGY
ATLNRDNTENPTERSSFFCLEYFPSKMLRTGNNFEFTYNFEEVPFHSSFAPSQNLFKLANPLVDQYLYRFVSTNNTGGVQ
FNKNLAGRYANTYKNWFPGPMGRTQGWNLGSGVNRASVSAFATTNRMELEGASYQVPPQPNGMTNNLQGSNTYALENTMI
FNSQPANPGTTATYLEGNMLITSESETQPVNRVAYNVGGQMATNNQSSTTAPATGTYNLQEIVPGSVWMERDVYLQGPIW
AKIPETGAHFHPSPAMGGFGLKHPPPMMLIKNTPVPGNITSFSDVPVSSFITQYSTGQVTVEMEWELKKENSKRWNPEIQ
YTNNYNDPQFVDFAPDSTGEYRTTRPIGTRYLTRPL
;
_entity_poly.pdbx_strand_id   A
#
# COMPACT_ATOMS: atom_id res chain seq x y z
N ASP A 1 31.61 12.95 16.03
CA ASP A 1 32.26 14.16 16.53
C ASP A 1 33.15 14.78 15.46
N GLY A 2 34.05 13.97 14.92
CA GLY A 2 34.95 14.44 13.88
C GLY A 2 34.69 13.75 12.56
N VAL A 3 35.45 14.15 11.53
CA VAL A 3 35.30 13.53 10.21
C VAL A 3 35.91 12.15 10.14
N GLY A 4 36.93 11.85 10.94
CA GLY A 4 37.55 10.55 10.90
C GLY A 4 37.01 9.63 11.98
N ASN A 5 35.69 9.69 12.19
CA ASN A 5 35.05 8.92 13.24
C ASN A 5 33.64 8.62 12.76
N ALA A 6 33.30 7.33 12.70
CA ALA A 6 31.98 6.91 12.27
C ALA A 6 30.92 7.31 13.29
N SER A 7 29.82 7.87 12.80
CA SER A 7 28.75 8.39 13.63
C SER A 7 27.56 7.43 13.66
N GLY A 8 27.82 6.14 13.61
CA GLY A 8 26.76 5.16 13.61
C GLY A 8 27.17 3.83 13.01
N ASP A 9 26.59 2.75 13.52
CA ASP A 9 26.95 1.40 13.11
C ASP A 9 25.85 0.81 12.23
N TRP A 10 26.20 -0.28 11.55
CA TRP A 10 25.27 -0.98 10.66
C TRP A 10 24.47 -1.96 11.51
N HIS A 11 23.21 -1.62 11.74
CA HIS A 11 22.30 -2.53 12.43
C HIS A 11 21.24 -3.02 11.47
N CYS A 12 21.25 -4.32 11.20
CA CYS A 12 20.28 -4.88 10.27
C CYS A 12 19.79 -6.21 10.81
N ASP A 13 19.69 -6.32 12.13
CA ASP A 13 19.34 -7.58 12.78
C ASP A 13 17.82 -7.72 12.86
N SER A 14 17.32 -8.75 13.53
CA SER A 14 15.90 -8.95 13.77
C SER A 14 15.72 -9.86 14.98
N THR A 15 15.20 -9.33 16.08
CA THR A 15 15.19 -10.05 17.34
C THR A 15 13.76 -10.40 17.71
N TRP A 16 13.41 -11.67 17.55
CA TRP A 16 12.13 -12.20 17.99
C TRP A 16 12.16 -12.39 19.49
N MET A 17 11.30 -11.68 20.23
CA MET A 17 11.27 -11.78 21.69
C MET A 17 9.82 -12.00 22.16
N GLY A 18 9.39 -13.25 22.13
CA GLY A 18 8.07 -13.59 22.66
C GLY A 18 6.97 -13.15 21.73
N ASP A 19 6.01 -12.41 22.26
CA ASP A 19 4.98 -11.74 21.46
C ASP A 19 5.38 -10.31 21.12
N ARG A 20 6.60 -10.18 20.61
CA ARG A 20 7.24 -8.89 20.38
C ARG A 20 8.43 -9.15 19.47
N VAL A 21 8.60 -8.30 18.46
CA VAL A 21 9.76 -8.44 17.59
C VAL A 21 10.24 -7.05 17.16
N VAL A 22 11.55 -6.84 17.20
CA VAL A 22 12.17 -5.63 16.66
C VAL A 22 12.91 -6.00 15.39
N THR A 23 12.72 -5.21 14.34
CA THR A 23 13.34 -5.43 13.05
C THR A 23 14.13 -4.17 12.70
N LYS A 24 15.43 -4.19 13.00
CA LYS A 24 16.31 -3.13 12.54
C LYS A 24 16.67 -3.36 11.08
N SER A 25 16.88 -2.26 10.36
CA SER A 25 17.18 -2.35 8.93
C SER A 25 17.97 -1.12 8.52
N THR A 26 19.22 -1.32 8.15
CA THR A 26 20.07 -0.25 7.68
C THR A 26 20.24 -0.31 6.17
N ARG A 27 20.02 0.83 5.51
CA ARG A 27 20.25 0.95 4.08
C ARG A 27 21.15 2.15 3.82
N THR A 28 21.65 2.25 2.59
CA THR A 28 22.52 3.32 2.16
C THR A 28 21.82 4.14 1.08
N TRP A 29 21.80 5.46 1.23
CA TRP A 29 21.02 6.32 0.36
C TRP A 29 21.90 7.34 -0.35
N VAL A 30 21.35 7.88 -1.44
CA VAL A 30 21.97 8.93 -2.24
C VAL A 30 20.93 10.03 -2.44
N LEU A 31 21.32 11.27 -2.17
CA LEU A 31 20.42 12.41 -2.37
C LEU A 31 20.97 13.29 -3.49
N PRO A 32 20.36 13.25 -4.68
CA PRO A 32 20.69 14.24 -5.70
C PRO A 32 20.09 15.59 -5.34
N SER A 33 20.80 16.67 -5.67
CA SER A 33 20.24 17.99 -5.41
C SER A 33 19.17 18.28 -6.44
N TYR A 34 17.92 18.02 -6.08
CA TYR A 34 16.82 18.15 -7.02
C TYR A 34 16.53 19.62 -7.32
N ASN A 35 16.07 19.86 -8.55
CA ASN A 35 15.67 21.16 -9.09
C ASN A 35 16.72 22.26 -9.08
N ASN A 36 17.98 21.90 -8.80
CA ASN A 36 19.10 22.82 -8.56
C ASN A 36 18.74 23.81 -7.47
N HIS A 37 18.32 23.30 -6.31
CA HIS A 37 18.12 24.04 -5.06
C HIS A 37 17.06 25.15 -5.14
N GLN A 38 15.94 24.91 -5.82
CA GLN A 38 14.90 25.92 -5.87
C GLN A 38 13.55 25.27 -6.08
N TYR A 39 12.49 25.99 -5.73
CA TYR A 39 11.14 25.47 -5.91
C TYR A 39 10.69 25.63 -7.36
N ARG A 40 9.87 24.68 -7.80
CA ARG A 40 9.28 24.76 -9.13
C ARG A 40 7.78 24.58 -9.00
N GLU A 41 7.04 25.27 -9.85
CA GLU A 41 5.59 25.11 -9.95
C GLU A 41 5.34 24.11 -11.07
N ILE A 42 4.97 22.89 -10.70
CA ILE A 42 4.66 21.87 -11.69
C ILE A 42 3.15 21.80 -11.90
N LYS A 43 2.76 21.43 -13.11
CA LYS A 43 1.35 21.38 -13.48
C LYS A 43 1.25 20.47 -14.70
N SER A 44 0.02 20.07 -15.01
CA SER A 44 -0.26 19.27 -16.20
C SER A 44 -1.72 19.42 -16.54
N GLY A 45 -2.04 19.20 -17.81
CA GLY A 45 -3.40 19.21 -18.29
C GLY A 45 -3.99 17.81 -18.40
N SER A 46 -4.97 17.69 -19.29
CA SER A 46 -5.66 16.43 -19.49
C SER A 46 -4.83 15.45 -20.33
N VAL A 47 -3.74 14.93 -19.77
CA VAL A 47 -2.96 13.91 -20.46
C VAL A 47 -3.64 12.56 -20.32
N ASP A 48 -3.25 11.62 -21.18
CA ASP A 48 -3.86 10.31 -21.38
C ASP A 48 -5.34 10.39 -21.71
N GLY A 49 -5.81 11.48 -22.33
CA GLY A 49 -7.18 11.64 -22.71
C GLY A 49 -8.14 12.09 -21.62
N SER A 50 -7.81 11.87 -20.36
CA SER A 50 -8.73 12.12 -19.26
C SER A 50 -8.32 13.40 -18.53
N ASN A 51 -9.30 14.21 -18.13
CA ASN A 51 -9.03 15.41 -17.36
C ASN A 51 -8.84 15.12 -15.88
N ALA A 52 -8.90 13.85 -15.52
CA ALA A 52 -8.54 13.39 -14.19
C ALA A 52 -7.07 13.65 -13.87
N ASN A 53 -6.19 13.59 -14.87
CA ASN A 53 -4.77 13.69 -14.65
C ASN A 53 -4.27 15.13 -14.54
N ALA A 54 -5.13 16.12 -14.72
CA ALA A 54 -4.72 17.50 -14.59
C ALA A 54 -4.50 17.84 -13.12
N TYR A 55 -3.34 18.38 -12.80
CA TYR A 55 -3.03 18.73 -11.43
C TYR A 55 -2.27 20.05 -11.40
N PHE A 56 -2.22 20.64 -10.21
CA PHE A 56 -1.39 21.81 -9.94
C PHE A 56 -0.60 21.50 -8.69
N GLY A 57 0.70 21.72 -8.74
CA GLY A 57 1.47 21.53 -7.53
C GLY A 57 2.86 22.09 -7.53
N TYR A 58 3.66 21.71 -6.55
CA TYR A 58 5.00 22.23 -6.41
C TYR A 58 5.97 21.08 -6.19
N SER A 59 7.12 21.17 -6.83
CA SER A 59 8.21 20.22 -6.66
C SER A 59 9.32 20.91 -5.88
N THR A 60 9.76 20.30 -4.80
CA THR A 60 10.71 20.86 -3.87
C THR A 60 12.11 20.36 -4.18
N PRO A 61 13.16 21.02 -3.65
CA PRO A 61 14.50 20.44 -3.74
C PRO A 61 14.81 19.48 -2.60
N TRP A 62 13.78 19.02 -1.90
CA TRP A 62 13.89 18.12 -0.78
C TRP A 62 13.68 16.69 -1.25
N GLY A 63 14.47 15.77 -0.69
CA GLY A 63 14.20 14.36 -0.78
C GLY A 63 13.57 13.90 0.50
N TYR A 64 13.02 12.69 0.48
CA TYR A 64 12.37 12.19 1.68
C TYR A 64 12.61 10.71 1.83
N PHE A 65 12.47 10.24 3.07
CA PHE A 65 12.59 8.82 3.38
C PHE A 65 11.21 8.19 3.43
N ASP A 66 11.04 7.13 2.64
CA ASP A 66 9.76 6.45 2.49
C ASP A 66 9.99 4.97 2.75
N PHE A 67 9.98 4.57 4.01
CA PHE A 67 10.13 3.16 4.34
C PHE A 67 8.78 2.50 4.61
N ASN A 68 7.76 2.94 3.88
CA ASN A 68 6.39 2.46 4.07
C ASN A 68 6.11 1.27 3.14
N ARG A 69 7.00 0.28 3.19
CA ARG A 69 6.76 -1.03 2.60
C ARG A 69 7.25 -2.10 3.56
N PHE A 70 6.63 -3.27 3.50
CA PHE A 70 6.97 -4.33 4.45
C PHE A 70 8.31 -4.99 4.16
N HIS A 71 8.78 -5.02 2.93
CA HIS A 71 10.06 -5.64 2.64
C HIS A 71 11.23 -4.80 3.12
N SER A 72 11.01 -3.54 3.45
CA SER A 72 12.03 -2.66 3.97
C SER A 72 12.44 -3.01 5.39
N HIS A 73 11.71 -3.89 6.05
CA HIS A 73 11.94 -4.26 7.43
C HIS A 73 12.03 -5.78 7.62
N TRP A 74 11.44 -6.55 6.73
CA TRP A 74 11.30 -7.98 6.90
C TRP A 74 12.06 -8.72 5.81
N SER A 75 13.01 -9.55 6.20
CA SER A 75 13.60 -10.51 5.28
C SER A 75 12.56 -11.56 4.92
N PRO A 76 12.71 -12.23 3.75
CA PRO A 76 11.71 -13.23 3.36
C PRO A 76 11.61 -14.46 4.27
N ARG A 77 12.62 -14.71 5.08
CA ARG A 77 12.55 -15.73 6.12
C ARG A 77 11.87 -15.23 7.38
N ASP A 78 12.20 -14.02 7.83
CA ASP A 78 11.53 -13.44 8.98
C ASP A 78 10.08 -13.12 8.70
N TRP A 79 9.74 -12.85 7.45
CA TRP A 79 8.35 -12.76 7.04
C TRP A 79 7.65 -14.10 7.06
N GLN A 80 8.34 -15.17 6.64
CA GLN A 80 7.76 -16.51 6.69
C GLN A 80 7.51 -16.99 8.11
N ARG A 81 8.41 -16.68 9.04
CA ARG A 81 8.21 -17.08 10.44
C ARG A 81 7.06 -16.32 11.06
N LEU A 82 6.76 -15.13 10.56
CA LEU A 82 5.61 -14.32 10.96
C LEU A 82 4.29 -14.90 10.46
N ILE A 83 4.18 -15.12 9.16
CA ILE A 83 2.91 -15.44 8.52
C ILE A 83 2.48 -16.87 8.76
N ASN A 84 3.35 -17.68 9.36
CA ASN A 84 2.98 -19.07 9.59
C ASN A 84 2.80 -19.41 11.05
N ASN A 85 2.90 -18.45 11.95
CA ASN A 85 2.86 -18.73 13.37
C ASN A 85 1.99 -17.78 14.18
N TYR A 86 1.58 -16.66 13.61
CA TYR A 86 0.90 -15.63 14.37
C TYR A 86 -0.37 -15.19 13.65
N TRP A 87 -1.39 -14.91 14.43
CA TRP A 87 -2.70 -14.49 13.93
C TRP A 87 -2.83 -12.99 13.81
N GLY A 88 -1.80 -12.24 14.11
CA GLY A 88 -1.87 -10.80 13.99
C GLY A 88 -0.55 -10.15 14.32
N PHE A 89 -0.40 -8.93 13.83
CA PHE A 89 0.75 -8.10 14.12
C PHE A 89 0.36 -6.66 13.89
N ARG A 90 0.98 -5.77 14.64
CA ARG A 90 0.74 -4.35 14.46
C ARG A 90 2.00 -3.60 14.90
N PRO A 91 2.30 -2.44 14.31
CA PRO A 91 3.48 -1.69 14.75
C PRO A 91 3.24 -1.04 16.09
N ARG A 92 4.31 -0.94 16.87
CA ARG A 92 4.21 -0.28 18.17
C ARG A 92 5.12 0.94 18.23
N SER A 93 6.39 0.75 17.88
CA SER A 93 7.38 1.81 17.98
C SER A 93 8.16 1.93 16.69
N LEU A 94 8.93 3.01 16.59
CA LEU A 94 9.67 3.33 15.38
C LEU A 94 10.84 4.20 15.78
N ARG A 95 12.01 3.94 15.20
CA ARG A 95 13.24 4.63 15.55
C ARG A 95 14.10 4.76 14.30
N VAL A 96 14.20 5.98 13.77
CA VAL A 96 14.94 6.25 12.54
C VAL A 96 16.19 7.04 12.86
N LYS A 97 17.33 6.65 12.27
CA LYS A 97 18.59 7.36 12.45
C LYS A 97 19.35 7.52 11.14
N ILE A 98 19.60 8.75 10.72
CA ILE A 98 20.40 9.06 9.55
C ILE A 98 21.82 9.33 10.02
N PHE A 99 22.79 8.60 9.49
CA PHE A 99 24.16 8.68 9.99
C PHE A 99 25.15 8.46 8.85
N ASN A 100 26.43 8.67 9.16
CA ASN A 100 27.56 8.67 8.24
C ASN A 100 27.32 9.50 6.98
N ILE A 101 26.96 10.73 7.16
CA ILE A 101 26.67 11.63 6.05
C ILE A 101 27.96 12.08 5.42
N GLN A 102 28.03 12.03 4.10
CA GLN A 102 29.16 12.58 3.37
C GLN A 102 28.67 13.17 2.06
N VAL A 103 29.15 14.37 1.75
CA VAL A 103 28.63 15.18 0.66
C VAL A 103 29.74 15.38 -0.37
N LYS A 104 29.42 15.15 -1.63
CA LYS A 104 30.40 15.09 -2.70
C LYS A 104 30.19 16.24 -3.68
N GLU A 105 31.30 16.81 -4.16
CA GLU A 105 31.27 17.82 -5.22
C GLU A 105 31.68 17.19 -6.54
N VAL A 106 30.73 17.10 -7.47
CA VAL A 106 31.03 16.73 -8.85
C VAL A 106 31.40 18.00 -9.61
N THR A 107 32.53 17.96 -10.31
CA THR A 107 32.99 19.09 -11.11
C THR A 107 33.30 18.57 -12.51
N VAL A 108 32.46 18.95 -13.47
CA VAL A 108 32.63 18.53 -14.85
C VAL A 108 33.48 19.60 -15.55
N GLN A 109 34.76 19.29 -15.73
CA GLN A 109 35.69 20.20 -16.39
C GLN A 109 36.43 19.44 -17.48
N ASP A 110 36.35 19.97 -18.71
CA ASP A 110 37.02 19.48 -19.91
C ASP A 110 36.65 18.02 -20.18
N SER A 111 35.35 17.73 -20.17
CA SER A 111 34.75 16.41 -20.33
C SER A 111 35.30 15.38 -19.36
N THR A 112 35.55 15.80 -18.11
CA THR A 112 36.08 14.92 -17.08
C THR A 112 35.37 15.25 -15.76
N THR A 113 34.44 14.38 -15.36
CA THR A 113 33.79 14.51 -14.07
C THR A 113 34.75 14.17 -12.94
N THR A 114 34.88 15.08 -11.98
CA THR A 114 35.76 14.88 -10.83
C THR A 114 34.94 14.97 -9.56
N ILE A 115 34.66 13.82 -8.95
CA ILE A 115 33.85 13.77 -7.74
C ILE A 115 34.80 13.86 -6.56
N ALA A 116 35.00 15.08 -6.05
CA ALA A 116 35.72 15.28 -4.80
C ALA A 116 34.72 15.34 -3.67
N ASN A 117 35.17 15.74 -2.48
CA ASN A 117 34.24 16.01 -1.39
C ASN A 117 34.72 17.18 -0.55
N ASN A 118 33.80 17.88 0.08
CA ASN A 118 34.20 18.82 1.12
C ASN A 118 33.73 18.34 2.48
N LEU A 119 34.48 18.74 3.50
CA LEU A 119 34.19 18.41 4.88
C LEU A 119 33.38 19.51 5.54
N THR A 120 32.84 20.42 4.73
CA THR A 120 32.28 21.68 5.21
C THR A 120 30.82 21.85 4.83
N SER A 121 30.37 21.27 3.72
CA SER A 121 28.99 21.39 3.29
C SER A 121 28.08 20.58 4.21
N THR A 122 26.88 21.10 4.41
CA THR A 122 25.93 20.58 5.37
C THR A 122 24.76 19.93 4.65
N VAL A 123 23.95 19.21 5.41
CA VAL A 123 22.72 18.56 4.96
C VAL A 123 21.67 18.78 6.04
N GLN A 124 20.54 19.38 5.69
CA GLN A 124 19.53 19.66 6.69
C GLN A 124 18.39 18.66 6.63
N VAL A 125 18.01 18.13 7.79
CA VAL A 125 16.95 17.15 7.94
C VAL A 125 15.93 17.71 8.92
N PHE A 126 14.65 17.54 8.62
CA PHE A 126 13.65 17.74 9.66
C PHE A 126 12.59 16.68 9.50
N THR A 127 11.72 16.60 10.51
CA THR A 127 10.66 15.59 10.57
C THR A 127 9.33 16.32 10.78
N ASP A 128 8.42 16.12 9.83
CA ASP A 128 7.12 16.81 9.89
C ASP A 128 6.19 16.13 10.88
N ASP A 129 6.39 16.41 12.18
CA ASP A 129 5.66 15.71 13.23
C ASP A 129 4.45 16.49 13.72
N ASP A 130 4.00 17.49 12.97
CA ASP A 130 2.73 18.15 13.23
C ASP A 130 1.77 18.04 12.08
N TYR A 131 2.17 17.38 10.98
CA TYR A 131 1.33 17.04 9.83
C TYR A 131 0.83 18.30 9.13
N GLN A 132 1.73 19.27 9.02
CA GLN A 132 1.46 20.57 8.42
C GLN A 132 1.75 20.59 6.92
N LEU A 133 2.46 19.59 6.41
CA LEU A 133 2.80 19.33 5.03
C LEU A 133 1.86 18.27 4.45
N PRO A 134 1.68 18.27 3.12
CA PRO A 134 1.00 17.13 2.48
C PRO A 134 1.77 15.83 2.65
N TYR A 135 1.15 14.86 3.31
CA TYR A 135 1.77 13.57 3.61
C TYR A 135 1.67 12.69 2.37
N VAL A 136 2.73 12.72 1.55
CA VAL A 136 2.70 11.98 0.29
C VAL A 136 3.22 10.56 0.42
N VAL A 137 3.54 10.11 1.63
CA VAL A 137 4.19 8.83 1.84
C VAL A 137 3.24 7.67 1.58
N GLY A 138 2.14 7.60 2.32
CA GLY A 138 1.28 6.43 2.25
C GLY A 138 0.33 6.40 1.07
N ASN A 139 0.86 6.44 -0.15
CA ASN A 139 0.02 6.46 -1.35
C ASN A 139 0.58 5.55 -2.44
N GLY A 140 1.46 4.62 -2.07
CA GLY A 140 1.96 3.61 -2.98
C GLY A 140 2.84 4.13 -4.09
N THR A 141 3.88 4.88 -3.73
CA THR A 141 4.82 5.44 -4.69
C THR A 141 6.17 4.74 -4.54
N GLU A 142 7.06 5.00 -5.48
CA GLU A 142 8.37 4.36 -5.47
C GLU A 142 9.32 5.04 -4.50
N GLY A 143 10.61 4.70 -4.60
CA GLY A 143 11.61 5.32 -3.76
C GLY A 143 11.51 4.88 -2.32
N CYS A 144 11.76 3.60 -2.07
CA CYS A 144 11.68 3.07 -0.72
C CYS A 144 13.00 2.45 -0.36
N LEU A 145 13.15 2.12 0.93
CA LEU A 145 14.24 1.27 1.35
C LEU A 145 14.10 -0.07 0.64
N PRO A 146 15.11 -0.55 -0.07
CA PRO A 146 14.95 -1.75 -0.88
C PRO A 146 14.70 -3.02 -0.08
N ALA A 147 14.29 -4.07 -0.76
CA ALA A 147 14.00 -5.34 -0.09
C ALA A 147 15.28 -6.03 0.34
N PHE A 148 16.36 -5.74 -0.31
CA PHE A 148 17.68 -6.34 -0.19
C PHE A 148 18.66 -5.31 0.36
N PRO A 149 19.33 -5.63 1.47
CA PRO A 149 20.10 -4.62 2.21
C PRO A 149 21.29 -4.03 1.47
N PRO A 150 22.08 -4.79 0.63
CA PRO A 150 23.17 -4.07 -0.05
C PRO A 150 22.78 -3.37 -1.34
N GLN A 151 21.50 -3.14 -1.56
CA GLN A 151 21.05 -2.25 -2.63
C GLN A 151 21.09 -0.81 -2.13
N VAL A 152 21.71 0.07 -2.91
CA VAL A 152 21.83 1.49 -2.58
C VAL A 152 20.75 2.22 -3.38
N PHE A 153 19.81 2.82 -2.67
CA PHE A 153 18.67 3.46 -3.30
C PHE A 153 18.86 4.97 -3.27
N THR A 154 18.18 5.66 -4.18
CA THR A 154 18.18 7.11 -4.22
C THR A 154 16.90 7.64 -3.60
N LEU A 155 16.98 8.82 -3.01
CA LEU A 155 15.83 9.37 -2.29
C LEU A 155 14.86 10.02 -3.28
N PRO A 156 13.57 9.76 -3.14
CA PRO A 156 12.61 10.37 -4.08
C PRO A 156 12.41 11.85 -3.81
N GLN A 157 12.19 12.60 -4.89
CA GLN A 157 12.01 14.03 -4.79
C GLN A 157 10.63 14.34 -4.22
N TYR A 158 10.58 15.20 -3.21
CA TYR A 158 9.33 15.54 -2.56
C TYR A 158 8.57 16.54 -3.41
N GLY A 159 7.39 16.16 -3.86
CA GLY A 159 6.48 17.08 -4.50
C GLY A 159 5.08 16.80 -4.02
N TYR A 160 4.14 17.70 -4.30
CA TYR A 160 2.76 17.49 -3.91
C TYR A 160 1.86 18.22 -4.89
N ALA A 161 0.62 17.78 -5.02
CA ALA A 161 -0.34 18.40 -5.93
C ALA A 161 -1.43 19.06 -5.10
N THR A 162 -1.59 20.37 -5.26
CA THR A 162 -2.58 21.11 -4.50
C THR A 162 -3.85 21.16 -5.35
N LEU A 163 -4.81 21.99 -4.97
CA LEU A 163 -6.05 22.12 -5.72
C LEU A 163 -5.81 22.81 -7.05
N ASN A 164 -6.53 22.38 -8.08
CA ASN A 164 -6.57 23.06 -9.36
C ASN A 164 -7.97 23.62 -9.60
N ARG A 165 -8.11 24.32 -10.71
CA ARG A 165 -9.36 25.03 -11.00
C ARG A 165 -10.02 24.45 -12.24
N ASP A 166 -11.23 23.91 -12.06
CA ASP A 166 -12.14 23.48 -13.13
C ASP A 166 -11.51 22.41 -14.01
N ASN A 167 -10.80 21.48 -13.35
CA ASN A 167 -10.10 20.34 -13.94
C ASN A 167 -9.03 20.75 -14.95
N THR A 168 -8.52 21.97 -14.82
CA THR A 168 -7.41 22.43 -15.66
C THR A 168 -6.13 22.40 -14.85
N GLU A 169 -5.05 22.93 -15.41
CA GLU A 169 -3.78 23.03 -14.72
C GLU A 169 -3.68 24.28 -13.85
N ASN A 170 -4.61 25.21 -14.01
CA ASN A 170 -4.50 26.51 -13.38
C ASN A 170 -4.82 26.40 -11.90
N PRO A 171 -4.18 27.21 -11.04
CA PRO A 171 -4.44 27.11 -9.60
C PRO A 171 -5.78 27.68 -9.21
N THR A 172 -6.12 27.56 -7.93
CA THR A 172 -7.32 28.19 -7.41
C THR A 172 -6.88 29.04 -6.23
N GLU A 173 -7.81 29.83 -5.70
CA GLU A 173 -7.49 30.74 -4.59
C GLU A 173 -7.34 29.98 -3.27
N ARG A 174 -7.79 28.74 -3.23
CA ARG A 174 -7.66 27.92 -2.03
C ARG A 174 -6.47 26.99 -2.08
N SER A 175 -5.73 26.94 -3.18
CA SER A 175 -4.55 26.11 -3.27
C SER A 175 -3.40 26.79 -2.55
N SER A 176 -2.76 26.06 -1.66
CA SER A 176 -1.73 26.59 -0.78
C SER A 176 -0.36 26.10 -1.18
N PHE A 177 0.64 26.93 -0.90
CA PHE A 177 2.05 26.64 -1.11
C PHE A 177 2.71 26.50 0.24
N PHE A 178 3.46 25.42 0.44
CA PHE A 178 4.17 25.15 1.68
C PHE A 178 5.66 25.26 1.41
N CYS A 179 6.30 26.27 1.99
CA CYS A 179 7.75 26.33 1.94
C CYS A 179 8.32 25.44 3.01
N LEU A 180 9.24 24.55 2.60
CA LEU A 180 9.78 23.57 3.52
C LEU A 180 11.02 24.07 4.25
N GLU A 181 11.57 25.21 3.86
CA GLU A 181 12.58 25.88 4.67
C GLU A 181 11.96 26.76 5.74
N TYR A 182 10.64 26.80 5.83
CA TYR A 182 9.93 27.50 6.90
C TYR A 182 9.68 26.60 8.09
N PHE A 183 10.20 25.38 8.04
CA PHE A 183 10.22 24.45 9.15
C PHE A 183 11.60 24.43 9.78
N PRO A 184 11.70 24.28 11.10
CA PRO A 184 13.01 24.20 11.74
C PRO A 184 13.71 22.89 11.43
N SER A 185 14.83 22.98 10.72
CA SER A 185 15.59 21.82 10.31
C SER A 185 16.80 21.65 11.21
N LYS A 186 17.64 20.67 10.88
CA LYS A 186 18.85 20.39 11.62
C LYS A 186 19.97 20.17 10.62
N MET A 187 20.84 21.17 10.47
CA MET A 187 21.90 21.15 9.46
C MET A 187 23.02 20.25 9.95
N LEU A 188 23.28 19.18 9.21
CA LEU A 188 24.20 18.14 9.63
C LEU A 188 25.43 18.14 8.73
N ARG A 189 26.61 18.26 9.33
CA ARG A 189 27.85 18.08 8.60
C ARG A 189 28.21 16.60 8.55
N THR A 190 29.45 16.30 8.18
CA THR A 190 29.91 14.92 8.00
C THR A 190 30.27 14.23 9.31
N GLY A 191 29.95 14.81 10.46
CA GLY A 191 30.24 14.16 11.72
C GLY A 191 29.02 14.13 12.61
N ASN A 192 27.87 14.48 12.04
CA ASN A 192 26.64 14.65 12.78
C ASN A 192 25.62 13.61 12.32
N ASN A 193 24.62 13.37 13.16
CA ASN A 193 23.58 12.39 12.87
C ASN A 193 22.22 12.91 13.34
N PHE A 194 21.16 12.18 12.99
CA PHE A 194 19.78 12.62 13.22
C PHE A 194 18.98 11.45 13.80
N GLU A 195 18.85 11.41 15.11
CA GLU A 195 18.03 10.39 15.75
C GLU A 195 16.59 10.86 15.87
N PHE A 196 15.67 9.91 15.86
CA PHE A 196 14.25 10.20 15.92
C PHE A 196 13.44 8.99 16.39
N THR A 197 12.56 9.16 17.35
CA THR A 197 11.71 8.09 17.83
C THR A 197 10.24 8.39 17.53
N TYR A 198 9.43 7.35 17.59
CA TYR A 198 8.01 7.46 17.30
C TYR A 198 7.25 6.30 17.93
N ASN A 199 6.15 6.59 18.61
CA ASN A 199 5.29 5.58 19.19
C ASN A 199 3.96 5.56 18.46
N PHE A 200 3.62 4.42 17.89
CA PHE A 200 2.36 4.26 17.18
C PHE A 200 1.19 4.28 18.15
N GLU A 201 0.05 4.73 17.66
CA GLU A 201 -1.19 4.71 18.42
C GLU A 201 -1.84 3.33 18.26
N GLU A 202 -2.76 3.02 19.16
CA GLU A 202 -3.39 1.71 19.22
C GLU A 202 -4.28 1.49 17.99
N VAL A 203 -3.82 0.63 17.10
CA VAL A 203 -4.56 0.24 15.91
C VAL A 203 -4.97 -1.22 16.10
N PRO A 204 -5.97 -1.74 15.40
CA PRO A 204 -6.26 -3.17 15.50
C PRO A 204 -5.14 -4.00 14.87
N PHE A 205 -5.00 -5.22 15.36
CA PHE A 205 -4.12 -6.20 14.75
C PHE A 205 -4.57 -6.49 13.33
N HIS A 206 -3.63 -6.77 12.45
CA HIS A 206 -3.96 -7.22 11.11
C HIS A 206 -4.43 -8.66 11.22
N SER A 207 -5.67 -8.92 10.85
CA SER A 207 -6.26 -10.25 11.00
C SER A 207 -5.66 -11.21 9.99
N SER A 208 -4.53 -11.81 10.35
CA SER A 208 -3.76 -12.62 9.41
C SER A 208 -4.12 -14.09 9.52
N PHE A 209 -5.38 -14.43 9.30
CA PHE A 209 -5.83 -15.80 9.34
C PHE A 209 -6.84 -16.03 8.23
N ALA A 210 -6.83 -17.24 7.70
CA ALA A 210 -7.91 -17.51 6.76
C ALA A 210 -9.15 -17.94 7.50
N PRO A 211 -10.34 -17.65 6.99
CA PRO A 211 -11.57 -18.24 7.56
C PRO A 211 -11.60 -19.74 7.33
N SER A 212 -11.75 -20.49 8.42
CA SER A 212 -11.83 -21.94 8.35
C SER A 212 -13.27 -22.41 8.27
N GLN A 213 -14.21 -21.51 8.02
CA GLN A 213 -15.63 -21.82 8.04
C GLN A 213 -16.37 -20.76 7.25
N ASN A 214 -17.39 -21.14 6.50
CA ASN A 214 -18.12 -20.19 5.67
C ASN A 214 -18.99 -19.30 6.54
N LEU A 215 -19.33 -18.11 6.07
CA LEU A 215 -20.17 -17.20 6.84
C LEU A 215 -21.63 -17.59 6.85
N PHE A 216 -22.16 -18.11 5.74
CA PHE A 216 -23.54 -18.56 5.68
C PHE A 216 -23.69 -20.00 6.12
N LYS A 217 -22.63 -20.61 6.62
CA LYS A 217 -22.65 -22.01 7.03
C LYS A 217 -22.16 -22.12 8.47
N LEU A 218 -22.70 -21.28 9.35
CA LEU A 218 -22.31 -21.26 10.75
C LEU A 218 -23.20 -22.09 11.65
N ALA A 219 -24.29 -22.66 11.13
CA ALA A 219 -25.09 -23.60 11.88
C ALA A 219 -24.53 -25.01 11.68
N ASN A 220 -24.77 -25.87 12.66
CA ASN A 220 -24.30 -27.23 12.42
C ASN A 220 -25.27 -27.98 11.51
N PRO A 221 -24.78 -28.89 10.68
CA PRO A 221 -25.67 -29.58 9.74
C PRO A 221 -26.38 -30.78 10.33
N LEU A 222 -26.43 -30.87 11.65
CA LEU A 222 -27.06 -32.00 12.33
C LEU A 222 -28.42 -31.67 12.91
N VAL A 223 -28.53 -30.64 13.74
CA VAL A 223 -29.82 -30.19 14.24
C VAL A 223 -30.31 -29.09 13.33
N ASP A 224 -31.64 -28.97 13.24
CA ASP A 224 -32.26 -28.02 12.34
C ASP A 224 -32.95 -26.90 13.12
N GLN A 225 -33.18 -25.80 12.42
CA GLN A 225 -33.60 -24.57 13.09
C GLN A 225 -35.06 -24.64 13.53
N TYR A 226 -35.36 -23.88 14.58
CA TYR A 226 -36.70 -23.68 15.08
C TYR A 226 -37.42 -22.53 14.40
N LEU A 227 -36.94 -22.12 13.22
CA LEU A 227 -37.48 -21.02 12.47
C LEU A 227 -37.96 -21.55 11.13
N TYR A 228 -39.10 -21.04 10.68
CA TYR A 228 -39.72 -21.51 9.45
C TYR A 228 -39.51 -20.48 8.35
N ARG A 229 -39.58 -20.95 7.11
CA ARG A 229 -39.40 -20.07 5.97
C ARG A 229 -40.63 -20.08 5.09
N PHE A 230 -40.88 -18.97 4.43
CA PHE A 230 -41.86 -18.93 3.36
C PHE A 230 -41.34 -19.71 2.17
N VAL A 231 -42.16 -20.62 1.65
CA VAL A 231 -41.73 -21.50 0.57
C VAL A 231 -42.54 -21.26 -0.71
N SER A 232 -43.87 -21.15 -0.59
CA SER A 232 -44.75 -21.06 -1.75
C SER A 232 -46.14 -20.61 -1.35
N THR A 233 -47.06 -20.65 -2.30
CA THR A 233 -48.46 -20.39 -2.03
C THR A 233 -49.31 -21.39 -2.80
N ASN A 234 -50.49 -21.73 -2.27
CA ASN A 234 -51.28 -22.80 -2.88
C ASN A 234 -52.05 -22.31 -4.09
N ASN A 235 -53.05 -23.08 -4.53
CA ASN A 235 -53.88 -22.65 -5.65
C ASN A 235 -54.73 -21.43 -5.31
N THR A 236 -54.99 -21.18 -4.03
CA THR A 236 -55.64 -19.95 -3.60
C THR A 236 -54.52 -18.97 -3.23
N GLY A 237 -54.82 -17.85 -2.58
CA GLY A 237 -53.79 -16.90 -2.25
C GLY A 237 -53.00 -17.22 -0.99
N GLY A 238 -53.39 -18.28 -0.30
CA GLY A 238 -52.83 -18.61 1.01
C GLY A 238 -51.38 -19.03 1.01
N VAL A 239 -50.64 -18.59 2.02
CA VAL A 239 -49.20 -18.82 2.11
C VAL A 239 -48.95 -20.19 2.73
N GLN A 240 -47.76 -20.73 2.47
CA GLN A 240 -47.33 -22.01 3.00
C GLN A 240 -45.90 -21.89 3.50
N PHE A 241 -45.55 -22.75 4.45
CA PHE A 241 -44.27 -22.67 5.14
C PHE A 241 -43.61 -24.06 5.19
N ASN A 242 -42.30 -24.05 5.41
CA ASN A 242 -41.57 -25.28 5.72
C ASN A 242 -40.54 -24.99 6.78
N LYS A 243 -40.12 -26.03 7.49
CA LYS A 243 -39.06 -25.93 8.46
C LYS A 243 -37.72 -25.80 7.75
N ASN A 244 -36.81 -25.03 8.35
CA ASN A 244 -35.44 -24.91 7.85
C ASN A 244 -34.70 -26.16 8.30
N LEU A 245 -34.32 -27.00 7.34
CA LEU A 245 -33.67 -28.27 7.68
C LEU A 245 -32.22 -28.05 8.05
N ALA A 246 -31.54 -29.13 8.42
CA ALA A 246 -30.23 -29.01 9.08
C ALA A 246 -29.11 -28.73 8.08
N GLY A 247 -28.95 -29.60 7.09
CA GLY A 247 -27.82 -29.44 6.18
C GLY A 247 -28.01 -28.34 5.16
N ARG A 248 -29.25 -27.89 4.98
CA ARG A 248 -29.55 -26.95 3.92
C ARG A 248 -29.20 -25.54 4.35
N TYR A 249 -28.17 -24.94 3.75
CA TYR A 249 -27.75 -23.60 4.10
C TYR A 249 -28.21 -22.53 3.13
N ALA A 250 -28.83 -22.91 2.02
CA ALA A 250 -29.28 -21.90 1.07
C ALA A 250 -30.55 -21.21 1.52
N ASN A 251 -31.18 -21.67 2.60
CA ASN A 251 -32.46 -21.13 3.03
C ASN A 251 -32.63 -20.96 4.54
N THR A 252 -31.59 -21.20 5.35
CA THR A 252 -31.67 -20.88 6.77
C THR A 252 -31.66 -19.39 7.02
N TYR A 253 -31.98 -18.99 8.24
CA TYR A 253 -31.92 -17.59 8.63
C TYR A 253 -30.50 -17.26 9.07
N LYS A 254 -30.04 -16.08 8.68
CA LYS A 254 -28.67 -15.67 8.93
C LYS A 254 -28.62 -14.53 9.94
N ASN A 255 -27.62 -14.55 10.80
CA ASN A 255 -27.36 -13.46 11.73
C ASN A 255 -26.45 -12.39 11.14
N TRP A 256 -25.51 -12.78 10.29
CA TRP A 256 -24.48 -11.87 9.83
C TRP A 256 -24.40 -11.91 8.31
N PHE A 257 -23.94 -10.82 7.71
CA PHE A 257 -23.98 -10.63 6.27
C PHE A 257 -22.61 -10.19 5.78
N PRO A 258 -22.28 -10.40 4.49
CA PRO A 258 -20.98 -9.96 3.97
C PRO A 258 -20.81 -8.44 3.92
N GLY A 259 -19.63 -7.99 3.52
CA GLY A 259 -19.31 -6.59 3.57
C GLY A 259 -19.78 -5.82 2.35
N PRO A 260 -19.12 -4.69 2.09
CA PRO A 260 -19.48 -3.87 0.92
C PRO A 260 -19.17 -4.57 -0.39
N MET A 261 -19.70 -4.04 -1.49
CA MET A 261 -19.45 -4.64 -2.79
C MET A 261 -19.61 -3.57 -3.86
N GLY A 262 -18.77 -3.67 -4.88
CA GLY A 262 -19.02 -3.02 -6.15
C GLY A 262 -18.52 -3.92 -7.25
N ARG A 263 -19.39 -4.29 -8.19
CA ARG A 263 -19.04 -5.31 -9.16
C ARG A 263 -18.00 -4.80 -10.16
N THR A 264 -16.90 -5.52 -10.28
CA THR A 264 -15.83 -5.15 -11.20
C THR A 264 -15.81 -6.18 -12.31
N GLN A 265 -15.02 -5.91 -13.35
CA GLN A 265 -14.95 -6.83 -14.47
C GLN A 265 -13.99 -7.97 -14.16
N GLY A 266 -14.33 -9.17 -14.60
CA GLY A 266 -13.52 -10.34 -14.35
C GLY A 266 -12.72 -10.79 -15.54
N TRP A 267 -11.40 -10.78 -15.41
CA TRP A 267 -10.50 -11.11 -16.51
C TRP A 267 -9.76 -12.40 -16.21
N ASN A 268 -9.64 -13.24 -17.23
CA ASN A 268 -9.04 -14.56 -17.08
C ASN A 268 -7.53 -14.48 -17.24
N LEU A 269 -6.81 -14.93 -16.22
CA LEU A 269 -5.37 -15.11 -16.34
C LEU A 269 -5.08 -16.53 -16.81
N GLY A 270 -3.81 -16.95 -16.72
CA GLY A 270 -3.44 -18.32 -17.00
C GLY A 270 -3.66 -18.77 -18.43
N SER A 271 -4.45 -19.83 -18.60
CA SER A 271 -4.88 -20.28 -19.91
C SER A 271 -5.75 -19.21 -20.56
N GLY A 272 -6.93 -18.96 -19.97
CA GLY A 272 -7.68 -17.76 -20.26
C GLY A 272 -8.47 -17.74 -21.54
N VAL A 273 -9.72 -17.29 -21.46
CA VAL A 273 -10.52 -16.97 -22.63
C VAL A 273 -11.04 -15.55 -22.39
N ASN A 274 -10.35 -14.57 -22.95
CA ASN A 274 -10.73 -13.18 -22.73
C ASN A 274 -11.21 -12.54 -24.02
N ARG A 275 -11.81 -11.35 -23.87
CA ARG A 275 -12.14 -10.51 -25.00
C ARG A 275 -10.85 -10.04 -25.66
N ALA A 276 -10.86 -9.98 -26.99
CA ALA A 276 -9.66 -9.65 -27.72
C ALA A 276 -9.66 -8.18 -28.14
N SER A 277 -8.45 -7.61 -28.21
CA SER A 277 -8.18 -6.22 -28.60
C SER A 277 -8.94 -5.23 -27.74
N VAL A 278 -8.63 -5.20 -26.45
CA VAL A 278 -9.42 -4.46 -25.47
C VAL A 278 -8.63 -3.23 -25.05
N SER A 279 -9.32 -2.09 -24.96
CA SER A 279 -8.77 -0.82 -24.53
C SER A 279 -9.40 -0.39 -23.22
N ALA A 280 -9.44 -1.28 -22.22
CA ALA A 280 -10.31 -1.15 -21.06
C ALA A 280 -9.90 0.00 -20.15
N PHE A 281 -10.35 1.19 -20.50
CA PHE A 281 -10.30 2.35 -19.63
C PHE A 281 -11.68 2.97 -19.56
N ALA A 282 -12.44 2.84 -20.65
CA ALA A 282 -13.79 3.39 -20.70
C ALA A 282 -14.83 2.47 -20.10
N THR A 283 -14.47 1.24 -19.75
CA THR A 283 -15.38 0.30 -19.12
C THR A 283 -15.03 -0.02 -17.67
N THR A 284 -13.98 0.59 -17.11
CA THR A 284 -13.56 0.29 -15.75
C THR A 284 -14.44 1.01 -14.74
N ASN A 285 -14.16 0.83 -13.46
CA ASN A 285 -14.95 1.41 -12.38
C ASN A 285 -14.41 2.80 -12.06
N ARG A 286 -15.18 3.82 -12.41
CA ARG A 286 -14.84 5.19 -12.08
C ARG A 286 -15.60 5.65 -10.85
N MET A 287 -15.05 6.69 -10.20
CA MET A 287 -15.69 7.32 -9.04
C MET A 287 -15.41 8.82 -9.16
N GLU A 288 -16.41 9.55 -9.66
CA GLU A 288 -16.30 10.98 -9.91
C GLU A 288 -16.14 11.79 -8.62
N LEU A 289 -15.21 12.73 -8.60
CA LEU A 289 -14.90 13.49 -7.39
C LEU A 289 -14.73 14.95 -7.74
N GLU A 290 -15.83 15.72 -7.62
CA GLU A 290 -15.94 17.16 -7.81
C GLU A 290 -15.32 17.58 -9.14
N GLY A 291 -15.92 17.14 -10.24
CA GLY A 291 -15.31 17.33 -11.54
C GLY A 291 -15.15 16.05 -12.33
N ALA A 292 -13.91 15.61 -12.51
CA ALA A 292 -13.56 14.47 -13.34
C ALA A 292 -13.88 13.16 -12.64
N SER A 293 -13.70 12.06 -13.37
CA SER A 293 -13.97 10.71 -12.88
C SER A 293 -12.65 9.96 -12.78
N TYR A 294 -12.40 9.36 -11.62
CA TYR A 294 -11.14 8.72 -11.32
C TYR A 294 -11.34 7.21 -11.28
N GLN A 295 -10.41 6.46 -11.86
CA GLN A 295 -10.35 5.04 -11.52
C GLN A 295 -9.95 4.89 -10.06
N VAL A 296 -10.55 3.93 -9.39
CA VAL A 296 -10.23 3.72 -7.98
C VAL A 296 -9.72 2.32 -7.64
N PRO A 297 -8.63 1.80 -8.21
CA PRO A 297 -8.16 0.50 -7.78
C PRO A 297 -7.31 0.63 -6.52
N PRO A 298 -7.39 -0.34 -5.60
CA PRO A 298 -8.40 -1.40 -5.58
C PRO A 298 -9.67 -0.85 -4.97
N GLN A 299 -10.81 -1.41 -5.33
CA GLN A 299 -12.11 -1.01 -4.80
C GLN A 299 -12.15 -1.30 -3.30
N PRO A 300 -13.02 -0.59 -2.50
CA PRO A 300 -12.95 -0.70 -1.03
C PRO A 300 -13.12 -2.09 -0.47
N ASN A 301 -12.68 -2.29 0.77
CA ASN A 301 -12.56 -3.55 1.46
C ASN A 301 -13.92 -4.24 1.56
N GLY A 302 -13.91 -5.56 1.71
CA GLY A 302 -15.16 -6.28 1.78
C GLY A 302 -15.49 -7.08 0.54
N MET A 303 -14.56 -7.18 -0.39
CA MET A 303 -14.74 -8.03 -1.55
C MET A 303 -13.53 -8.93 -1.69
N THR A 304 -13.59 -9.79 -2.71
CA THR A 304 -12.46 -10.61 -3.09
C THR A 304 -12.51 -10.83 -4.59
N ASN A 305 -11.49 -11.51 -5.09
CA ASN A 305 -11.40 -12.00 -6.45
C ASN A 305 -10.71 -13.34 -6.39
N ASN A 306 -10.72 -14.10 -7.50
CA ASN A 306 -10.05 -15.39 -7.60
C ASN A 306 -10.58 -16.37 -6.56
N LEU A 307 -11.75 -16.99 -6.80
CA LEU A 307 -12.39 -17.87 -5.81
C LEU A 307 -11.49 -18.95 -5.23
N GLN A 308 -11.18 -19.99 -6.00
CA GLN A 308 -10.21 -20.99 -5.58
C GLN A 308 -9.82 -21.80 -6.81
N GLY A 309 -8.56 -21.68 -7.23
CA GLY A 309 -8.12 -22.36 -8.42
C GLY A 309 -8.81 -21.90 -9.69
N SER A 310 -9.28 -20.66 -9.71
CA SER A 310 -9.95 -20.09 -10.87
C SER A 310 -8.97 -19.14 -11.55
N ASN A 311 -8.88 -19.23 -12.87
CA ASN A 311 -8.00 -18.31 -13.58
C ASN A 311 -8.60 -16.92 -13.70
N THR A 312 -9.89 -16.79 -13.43
CA THR A 312 -10.54 -15.48 -13.47
C THR A 312 -10.18 -14.66 -12.26
N TYR A 313 -9.58 -13.49 -12.48
CA TYR A 313 -9.40 -12.54 -11.39
C TYR A 313 -10.21 -11.29 -11.71
N ALA A 314 -10.34 -10.44 -10.70
CA ALA A 314 -10.76 -9.06 -10.93
C ALA A 314 -9.52 -8.16 -10.91
N LEU A 315 -9.02 -7.87 -12.11
CA LEU A 315 -7.77 -7.14 -12.27
C LEU A 315 -7.93 -5.68 -11.86
N GLU A 316 -9.15 -5.21 -11.80
CA GLU A 316 -9.47 -3.90 -11.25
C GLU A 316 -9.42 -3.90 -9.72
N ASN A 317 -9.50 -5.08 -9.09
CA ASN A 317 -9.62 -5.17 -7.63
C ASN A 317 -8.37 -5.71 -6.95
N THR A 318 -7.32 -6.00 -7.70
CA THR A 318 -6.15 -6.66 -7.12
C THR A 318 -4.97 -5.69 -7.06
N MET A 319 -3.90 -6.13 -6.40
CA MET A 319 -2.71 -5.33 -6.16
C MET A 319 -1.56 -5.91 -6.98
N ILE A 320 -1.47 -5.50 -8.24
CA ILE A 320 -0.47 -6.04 -9.16
C ILE A 320 0.88 -5.40 -8.82
N PHE A 321 1.89 -6.22 -8.59
CA PHE A 321 3.24 -5.74 -8.36
C PHE A 321 4.16 -6.19 -9.48
N ASN A 322 5.39 -5.68 -9.47
CA ASN A 322 6.40 -6.04 -10.45
C ASN A 322 7.42 -6.94 -9.79
N SER A 323 8.13 -7.72 -10.61
CA SER A 323 9.21 -8.55 -10.10
C SER A 323 10.43 -7.72 -9.74
N GLN A 324 10.80 -6.77 -10.59
CA GLN A 324 11.95 -5.90 -10.38
C GLN A 324 11.50 -4.46 -10.45
N PRO A 325 12.26 -3.52 -9.85
CA PRO A 325 11.98 -2.10 -10.06
C PRO A 325 12.19 -1.67 -11.50
N ALA A 326 11.52 -0.60 -11.91
CA ALA A 326 11.55 -0.20 -13.32
C ALA A 326 12.03 1.24 -13.42
N ASN A 327 12.29 1.66 -14.66
CA ASN A 327 12.74 3.02 -14.90
C ASN A 327 11.59 3.99 -14.70
N PRO A 328 11.84 5.17 -14.13
CA PRO A 328 10.74 6.13 -13.91
C PRO A 328 10.25 6.73 -15.21
N GLY A 329 8.99 6.49 -15.53
CA GLY A 329 8.40 6.97 -16.76
C GLY A 329 8.49 5.96 -17.87
N THR A 330 8.09 4.73 -17.59
CA THR A 330 8.12 3.66 -18.57
C THR A 330 6.73 3.45 -19.17
N THR A 331 6.71 3.02 -20.42
CA THR A 331 5.47 2.75 -21.15
C THR A 331 5.43 1.33 -21.68
N ALA A 332 6.18 0.41 -21.07
CA ALA A 332 6.21 -0.96 -21.53
C ALA A 332 4.93 -1.68 -21.16
N THR A 333 4.44 -2.52 -22.07
CA THR A 333 3.23 -3.30 -21.84
C THR A 333 3.62 -4.64 -21.25
N TYR A 334 3.47 -4.76 -19.94
CA TYR A 334 3.87 -5.98 -19.25
C TYR A 334 2.81 -7.06 -19.45
N LEU A 335 3.13 -8.29 -19.07
CA LEU A 335 2.24 -9.41 -19.26
C LEU A 335 1.94 -10.05 -17.92
N GLU A 336 1.16 -11.13 -17.96
CA GLU A 336 0.83 -11.89 -16.76
C GLU A 336 2.04 -12.58 -16.16
N GLY A 337 3.04 -12.93 -16.96
CA GLY A 337 4.21 -13.61 -16.45
C GLY A 337 5.18 -12.70 -15.72
N ASN A 338 5.29 -11.45 -16.17
CA ASN A 338 6.24 -10.52 -15.56
C ASN A 338 5.76 -10.01 -14.21
N MET A 339 4.45 -9.92 -14.02
CA MET A 339 3.91 -9.18 -12.89
C MET A 339 3.53 -10.13 -11.75
N LEU A 340 3.53 -9.59 -10.55
CA LEU A 340 3.15 -10.31 -9.33
C LEU A 340 1.68 -10.01 -9.00
N ILE A 341 0.78 -10.79 -9.58
CA ILE A 341 -0.64 -10.50 -9.44
C ILE A 341 -1.18 -11.11 -8.16
N THR A 342 -1.61 -10.22 -7.25
CA THR A 342 -2.12 -10.55 -5.93
C THR A 342 -3.49 -11.23 -6.03
N SER A 343 -3.64 -12.31 -5.26
CA SER A 343 -4.91 -13.00 -5.12
C SER A 343 -5.39 -12.92 -3.68
N GLU A 344 -6.59 -12.39 -3.48
CA GLU A 344 -7.24 -12.43 -2.18
C GLU A 344 -8.18 -13.64 -2.11
N SER A 345 -7.67 -14.82 -2.44
CA SER A 345 -8.50 -16.00 -2.58
C SER A 345 -9.03 -16.53 -1.27
N GLU A 346 -8.28 -16.37 -0.19
CA GLU A 346 -8.60 -17.06 1.06
C GLU A 346 -9.74 -16.39 1.80
N THR A 347 -10.10 -15.16 1.45
CA THR A 347 -11.13 -14.41 2.16
C THR A 347 -12.50 -14.63 1.55
N GLN A 348 -12.63 -15.60 0.64
CA GLN A 348 -13.91 -15.97 0.06
C GLN A 348 -15.00 -16.52 0.99
N PRO A 349 -14.74 -17.12 2.17
CA PRO A 349 -15.90 -17.45 3.02
C PRO A 349 -16.59 -16.25 3.64
N VAL A 350 -16.00 -15.06 3.62
CA VAL A 350 -16.60 -13.91 4.28
C VAL A 350 -16.96 -12.85 3.25
N ASN A 351 -16.07 -12.62 2.30
CA ASN A 351 -16.27 -11.57 1.31
C ASN A 351 -16.90 -12.11 0.04
N ARG A 352 -17.84 -11.36 -0.51
CA ARG A 352 -18.39 -11.67 -1.83
C ARG A 352 -17.36 -11.35 -2.90
N VAL A 353 -17.50 -11.99 -4.05
CA VAL A 353 -16.54 -11.77 -5.12
C VAL A 353 -16.88 -10.50 -5.88
N ALA A 354 -15.93 -10.04 -6.67
CA ALA A 354 -16.06 -8.73 -7.31
C ALA A 354 -16.55 -8.85 -8.75
N TYR A 355 -16.44 -10.02 -9.35
CA TYR A 355 -16.88 -10.18 -10.74
C TYR A 355 -18.24 -10.87 -10.83
N ASN A 356 -19.00 -10.83 -9.74
CA ASN A 356 -20.37 -11.34 -9.75
C ASN A 356 -21.26 -10.39 -8.97
N VAL A 357 -22.55 -10.62 -9.05
CA VAL A 357 -23.53 -9.83 -8.31
C VAL A 357 -23.61 -10.37 -6.89
N GLY A 358 -24.09 -9.53 -5.97
CA GLY A 358 -24.13 -9.94 -4.58
C GLY A 358 -25.37 -10.74 -4.23
N GLY A 359 -26.51 -10.33 -4.78
CA GLY A 359 -27.75 -11.03 -4.52
C GLY A 359 -28.85 -10.44 -5.36
N GLN A 360 -30.05 -10.38 -4.80
CA GLN A 360 -31.18 -9.83 -5.53
C GLN A 360 -32.21 -9.33 -4.52
N MET A 361 -32.91 -8.27 -4.92
CA MET A 361 -33.95 -7.68 -4.10
C MET A 361 -35.30 -7.91 -4.78
N ALA A 362 -36.36 -7.35 -4.21
CA ALA A 362 -37.66 -7.42 -4.86
C ALA A 362 -37.78 -6.29 -5.87
N THR A 363 -38.58 -6.52 -6.92
CA THR A 363 -38.82 -5.52 -7.95
C THR A 363 -40.24 -4.98 -7.89
N ASN A 364 -41.24 -5.86 -7.77
CA ASN A 364 -42.61 -5.40 -7.77
C ASN A 364 -43.39 -5.90 -6.56
N ASN A 365 -44.54 -5.29 -6.30
CA ASN A 365 -45.46 -5.76 -5.28
C ASN A 365 -46.35 -6.83 -5.91
N GLN A 366 -46.40 -8.00 -5.29
CA GLN A 366 -47.14 -9.11 -5.86
C GLN A 366 -48.65 -8.95 -5.69
N SER A 367 -49.41 -9.64 -6.53
CA SER A 367 -50.87 -9.64 -6.49
C SER A 367 -51.32 -10.85 -7.30
N SER A 368 -52.62 -11.07 -7.42
CA SER A 368 -53.05 -12.17 -8.28
C SER A 368 -53.28 -11.70 -9.71
N THR A 369 -52.37 -10.88 -10.23
CA THR A 369 -52.20 -10.67 -11.67
C THR A 369 -50.70 -10.53 -11.92
N THR A 370 -49.93 -10.33 -10.85
CA THR A 370 -48.52 -9.97 -10.97
C THR A 370 -47.68 -10.99 -10.20
N ALA A 371 -46.87 -11.75 -10.93
CA ALA A 371 -45.92 -12.65 -10.30
C ALA A 371 -44.78 -11.85 -9.68
N PRO A 372 -44.18 -12.33 -8.59
CA PRO A 372 -43.08 -11.58 -7.96
C PRO A 372 -41.83 -11.63 -8.82
N ALA A 373 -41.26 -10.46 -9.08
CA ALA A 373 -40.03 -10.32 -9.83
C ALA A 373 -38.88 -9.93 -8.90
N THR A 374 -37.67 -10.33 -9.29
CA THR A 374 -36.47 -9.96 -8.56
C THR A 374 -35.55 -9.18 -9.49
N GLY A 375 -34.37 -8.84 -9.01
CA GLY A 375 -33.40 -8.14 -9.81
C GLY A 375 -32.05 -8.09 -9.13
N THR A 376 -30.99 -8.45 -9.85
CA THR A 376 -29.67 -8.50 -9.26
C THR A 376 -29.07 -7.10 -9.19
N TYR A 377 -28.45 -6.80 -8.06
CA TYR A 377 -27.77 -5.54 -7.86
C TYR A 377 -26.26 -5.73 -7.93
N ASN A 378 -25.58 -4.73 -8.47
CA ASN A 378 -24.15 -4.79 -8.71
C ASN A 378 -23.34 -4.16 -7.59
N LEU A 379 -23.98 -3.48 -6.64
CA LEU A 379 -23.24 -2.85 -5.55
C LEU A 379 -24.14 -2.77 -4.33
N GLN A 380 -23.59 -3.16 -3.17
CA GLN A 380 -24.29 -3.06 -1.90
C GLN A 380 -23.30 -2.53 -0.88
N GLU A 381 -23.67 -1.46 -0.20
CA GLU A 381 -22.81 -0.81 0.78
C GLU A 381 -23.08 -1.37 2.17
N ILE A 382 -22.61 -0.67 3.20
CA ILE A 382 -22.72 -1.08 4.60
C ILE A 382 -24.17 -1.28 5.06
N VAL A 383 -24.44 -2.47 5.60
CA VAL A 383 -25.73 -2.87 6.14
C VAL A 383 -25.46 -3.17 7.62
N PRO A 384 -26.35 -2.81 8.55
CA PRO A 384 -26.10 -3.14 9.96
C PRO A 384 -26.13 -4.64 10.20
N GLY A 385 -25.07 -5.15 10.80
CA GLY A 385 -24.86 -6.57 10.91
C GLY A 385 -23.87 -7.14 9.93
N SER A 386 -23.19 -6.30 9.16
CA SER A 386 -22.22 -6.78 8.18
C SER A 386 -20.94 -7.23 8.87
N VAL A 387 -20.25 -8.15 8.21
CA VAL A 387 -18.92 -8.57 8.62
C VAL A 387 -18.10 -8.89 7.38
N TRP A 388 -16.91 -8.32 7.28
CA TRP A 388 -16.06 -8.53 6.13
C TRP A 388 -14.66 -8.86 6.61
N MET A 389 -13.74 -8.99 5.66
CA MET A 389 -12.36 -9.34 5.93
C MET A 389 -11.52 -8.37 5.11
N GLU A 390 -10.65 -7.62 5.78
CA GLU A 390 -9.92 -6.56 5.11
C GLU A 390 -8.86 -7.12 4.18
N ARG A 391 -8.27 -6.24 3.37
CA ARG A 391 -7.30 -6.67 2.38
C ARG A 391 -6.01 -7.12 3.05
N ASP A 392 -5.45 -8.21 2.54
CA ASP A 392 -4.22 -8.80 3.04
C ASP A 392 -3.06 -7.86 2.79
N VAL A 393 -2.10 -7.88 3.72
CA VAL A 393 -0.86 -7.15 3.56
C VAL A 393 0.16 -8.10 2.95
N TYR A 394 1.11 -7.55 2.21
CA TYR A 394 2.07 -8.35 1.48
C TYR A 394 3.47 -7.88 1.81
N LEU A 395 4.45 -8.72 1.49
CA LEU A 395 5.84 -8.36 1.74
C LEU A 395 6.24 -7.18 0.87
N GLN A 396 5.78 -7.17 -0.37
CA GLN A 396 6.03 -6.07 -1.29
C GLN A 396 4.89 -5.05 -1.24
N GLY A 397 4.48 -4.60 -0.07
CA GLY A 397 3.28 -3.80 0.02
C GLY A 397 3.31 -2.81 1.16
N PRO A 398 2.41 -1.82 1.13
CA PRO A 398 2.51 -0.70 2.06
C PRO A 398 2.12 -1.07 3.48
N ILE A 399 2.72 -0.39 4.44
CA ILE A 399 2.51 -0.70 5.84
C ILE A 399 1.36 0.14 6.40
N TRP A 400 1.44 1.45 6.27
CA TRP A 400 0.44 2.33 6.87
C TRP A 400 -0.11 3.26 5.80
N ALA A 401 -1.01 4.15 6.23
CA ALA A 401 -1.52 5.26 5.44
C ALA A 401 -2.07 6.32 6.38
N LYS A 402 -2.22 7.55 5.90
CA LYS A 402 -2.78 8.63 6.72
C LYS A 402 -4.25 8.82 6.39
N ILE A 403 -5.07 8.92 7.43
CA ILE A 403 -6.46 9.33 7.24
C ILE A 403 -6.48 10.82 6.92
N PRO A 404 -7.26 11.27 5.94
CA PRO A 404 -7.33 12.71 5.64
C PRO A 404 -7.94 13.50 6.80
N GLU A 405 -7.70 14.81 6.77
CA GLU A 405 -8.05 15.71 7.87
C GLU A 405 -9.48 16.28 7.71
N THR A 406 -10.36 15.53 7.07
CA THR A 406 -11.76 15.92 7.02
C THR A 406 -12.42 15.71 8.38
N GLY A 407 -13.64 16.19 8.54
CA GLY A 407 -14.33 16.01 9.80
C GLY A 407 -14.69 14.57 10.08
N ALA A 408 -15.23 13.89 9.09
CA ALA A 408 -15.76 12.56 9.25
C ALA A 408 -15.04 11.54 8.38
N HIS A 409 -15.07 10.29 8.83
CA HIS A 409 -14.66 9.13 8.06
C HIS A 409 -15.33 7.92 8.67
N PHE A 410 -15.48 6.87 7.86
CA PHE A 410 -16.00 5.60 8.33
C PHE A 410 -14.98 4.49 8.12
N HIS A 411 -14.67 3.77 9.20
CA HIS A 411 -13.91 2.53 9.25
C HIS A 411 -12.58 2.64 8.51
N PRO A 412 -11.59 3.32 9.09
CA PRO A 412 -10.43 3.77 8.31
C PRO A 412 -9.42 2.67 8.02
N SER A 413 -9.84 1.68 7.24
CA SER A 413 -8.92 0.70 6.72
C SER A 413 -8.51 1.13 5.33
N PRO A 414 -7.21 1.27 5.04
CA PRO A 414 -6.79 1.68 3.70
C PRO A 414 -7.10 0.60 2.67
N ALA A 415 -7.62 1.03 1.52
CA ALA A 415 -8.06 0.10 0.50
C ALA A 415 -6.90 -0.66 -0.13
N MET A 416 -5.72 -0.05 -0.19
CA MET A 416 -4.53 -0.74 -0.70
C MET A 416 -4.04 -1.78 0.31
N GLY A 417 -4.28 -1.54 1.59
CA GLY A 417 -3.87 -2.48 2.61
C GLY A 417 -3.09 -1.84 3.73
N GLY A 418 -3.04 -2.51 4.87
CA GLY A 418 -2.24 -2.02 5.97
C GLY A 418 -3.02 -1.40 7.10
N PHE A 419 -2.50 -0.30 7.64
CA PHE A 419 -3.01 0.31 8.86
C PHE A 419 -3.43 1.75 8.58
N GLY A 420 -4.62 2.11 9.02
CA GLY A 420 -5.06 3.48 8.87
C GLY A 420 -4.73 4.30 10.10
N LEU A 421 -3.63 5.04 10.05
CA LEU A 421 -3.19 5.85 11.16
C LEU A 421 -3.73 7.27 11.05
N LYS A 422 -4.07 7.84 12.20
CA LYS A 422 -4.48 9.23 12.24
C LYS A 422 -3.28 10.15 12.29
N HIS A 423 -2.28 9.81 13.10
CA HIS A 423 -1.00 10.49 13.16
C HIS A 423 0.05 9.48 12.70
N PRO A 424 0.34 9.43 11.41
CA PRO A 424 1.27 8.43 10.88
C PRO A 424 2.70 8.76 11.27
N PRO A 425 3.67 7.88 10.99
CA PRO A 425 5.08 8.23 11.19
C PRO A 425 5.46 9.45 10.36
N PRO A 426 6.06 10.45 10.98
CA PRO A 426 6.28 11.74 10.33
C PRO A 426 7.26 11.63 9.19
N MET A 427 7.09 12.48 8.18
CA MET A 427 7.80 12.35 6.92
C MET A 427 9.16 13.02 7.07
N MET A 428 10.22 12.23 7.00
CA MET A 428 11.58 12.73 7.16
C MET A 428 12.04 13.39 5.88
N LEU A 429 11.98 14.71 5.84
CA LEU A 429 12.45 15.48 4.70
C LEU A 429 13.93 15.77 4.86
N ILE A 430 14.64 15.84 3.74
CA ILE A 430 16.09 16.02 3.73
C ILE A 430 16.50 16.63 2.40
N LYS A 431 17.40 17.62 2.46
CA LYS A 431 17.96 18.18 1.24
C LYS A 431 19.41 18.55 1.47
N ASN A 432 20.10 18.83 0.37
CA ASN A 432 21.43 19.42 0.42
C ASN A 432 21.29 20.92 0.57
N THR A 433 22.01 21.50 1.53
CA THR A 433 22.04 22.95 1.63
C THR A 433 22.81 23.52 0.45
N PRO A 434 22.33 24.62 -0.15
CA PRO A 434 22.98 25.14 -1.35
C PRO A 434 24.28 25.85 -1.05
N VAL A 435 25.25 25.62 -1.91
CA VAL A 435 26.55 26.27 -1.80
C VAL A 435 26.75 27.14 -3.03
N PRO A 436 26.88 28.46 -2.87
CA PRO A 436 27.02 29.34 -4.03
C PRO A 436 28.38 29.21 -4.72
N GLY A 437 28.52 29.84 -5.87
CA GLY A 437 29.70 29.63 -6.69
C GLY A 437 30.79 30.67 -6.54
N ASN A 438 30.92 31.53 -7.53
CA ASN A 438 32.00 32.51 -7.63
C ASN A 438 31.39 33.89 -7.79
N ILE A 439 30.45 34.23 -6.91
CA ILE A 439 29.82 35.55 -6.93
C ILE A 439 30.85 36.60 -6.57
N THR A 440 31.09 37.52 -7.50
CA THR A 440 32.12 38.55 -7.34
C THR A 440 31.54 39.94 -7.11
N SER A 441 30.27 40.16 -7.48
CA SER A 441 29.63 41.45 -7.32
C SER A 441 28.25 41.27 -6.69
N PHE A 442 27.73 42.35 -6.13
CA PHE A 442 26.43 42.34 -5.50
C PHE A 442 25.34 42.47 -6.55
N SER A 443 24.29 41.68 -6.40
CA SER A 443 23.09 41.84 -7.19
C SER A 443 21.89 41.44 -6.33
N ASP A 444 20.77 42.14 -6.51
CA ASP A 444 19.60 41.90 -5.69
C ASP A 444 18.82 40.67 -6.13
N VAL A 445 19.02 40.20 -7.35
CA VAL A 445 18.45 38.93 -7.78
C VAL A 445 19.13 37.80 -7.00
N PRO A 446 18.38 36.77 -6.59
CA PRO A 446 19.03 35.66 -5.85
C PRO A 446 20.02 34.87 -6.69
N VAL A 447 20.91 34.17 -6.00
CA VAL A 447 21.95 33.38 -6.63
C VAL A 447 21.31 32.18 -7.34
N SER A 448 21.64 32.02 -8.63
CA SER A 448 21.24 30.85 -9.38
C SER A 448 22.40 29.93 -9.70
N SER A 449 23.64 30.37 -9.46
CA SER A 449 24.83 29.62 -9.83
C SER A 449 25.39 28.97 -8.57
N PHE A 450 25.04 27.71 -8.36
CA PHE A 450 25.46 26.95 -7.20
C PHE A 450 26.49 25.90 -7.60
N ILE A 451 27.27 25.47 -6.61
CA ILE A 451 28.15 24.32 -6.79
C ILE A 451 27.27 23.08 -6.87
N THR A 452 27.39 22.34 -7.97
CA THR A 452 26.62 21.11 -8.08
C THR A 452 27.18 20.04 -7.15
N GLN A 453 26.29 19.40 -6.41
CA GLN A 453 26.71 18.46 -5.39
C GLN A 453 25.60 17.49 -5.03
N TYR A 454 25.98 16.28 -4.61
CA TYR A 454 25.06 15.33 -4.01
C TYR A 454 25.61 14.94 -2.65
N SER A 455 24.84 14.15 -1.92
CA SER A 455 25.32 13.66 -0.63
C SER A 455 24.76 12.26 -0.40
N THR A 456 25.60 11.40 0.16
CA THR A 456 25.21 10.03 0.47
C THR A 456 25.39 9.77 1.96
N GLY A 457 25.05 8.58 2.39
CA GLY A 457 25.06 8.23 3.80
C GLY A 457 24.17 7.03 4.04
N GLN A 458 24.16 6.60 5.29
CA GLN A 458 23.34 5.47 5.71
C GLN A 458 22.17 5.94 6.56
N VAL A 459 21.14 5.09 6.64
CA VAL A 459 19.98 5.33 7.48
C VAL A 459 19.55 3.98 8.05
N THR A 460 19.15 3.97 9.32
CA THR A 460 18.58 2.77 9.92
C THR A 460 17.18 3.08 10.43
N VAL A 461 16.32 2.07 10.39
CA VAL A 461 14.95 2.17 10.88
C VAL A 461 14.71 0.96 11.78
N GLU A 462 14.36 1.19 13.04
CA GLU A 462 14.05 0.12 13.98
C GLU A 462 12.56 0.13 14.27
N MET A 463 11.85 -0.83 13.70
CA MET A 463 10.45 -1.04 14.00
C MET A 463 10.29 -1.93 15.22
N GLU A 464 9.10 -1.93 15.80
CA GLU A 464 8.74 -2.84 16.88
C GLU A 464 7.31 -3.30 16.66
N TRP A 465 7.08 -4.59 16.77
CA TRP A 465 5.81 -5.19 16.38
C TRP A 465 5.27 -6.03 17.52
N GLU A 466 3.98 -5.91 17.77
CA GLU A 466 3.29 -6.69 18.80
C GLU A 466 2.59 -7.84 18.11
N LEU A 467 2.83 -9.05 18.57
CA LEU A 467 2.30 -10.23 17.90
C LEU A 467 1.05 -10.74 18.60
N LYS A 468 0.09 -11.20 17.82
CA LYS A 468 -1.06 -11.92 18.33
C LYS A 468 -0.81 -13.40 18.07
N LYS A 469 -0.60 -14.14 19.14
CA LYS A 469 -0.13 -15.51 19.01
C LYS A 469 -1.26 -16.44 18.61
N GLU A 470 -0.90 -17.49 17.88
CA GLU A 470 -1.86 -18.49 17.42
C GLU A 470 -2.28 -19.38 18.57
N ASN A 471 -3.59 -19.44 18.82
CA ASN A 471 -4.16 -20.29 19.86
C ASN A 471 -5.32 -21.09 19.23
N SER A 472 -4.99 -22.22 18.63
CA SER A 472 -5.98 -23.05 17.97
C SER A 472 -5.91 -24.48 18.48
N LYS A 473 -7.06 -25.16 18.43
CA LYS A 473 -7.15 -26.58 18.73
C LYS A 473 -7.42 -27.40 17.48
N ARG A 474 -7.00 -26.91 16.32
CA ARG A 474 -7.11 -27.64 15.07
C ARG A 474 -6.22 -28.88 15.10
N TRP A 475 -6.70 -29.99 14.56
CA TRP A 475 -5.99 -31.26 14.64
C TRP A 475 -5.06 -31.48 13.45
N ASN A 476 -5.56 -31.34 12.24
CA ASN A 476 -4.81 -31.66 11.04
C ASN A 476 -3.80 -30.54 10.72
N PRO A 477 -2.76 -30.78 9.91
CA PRO A 477 -1.79 -29.72 9.62
C PRO A 477 -2.38 -28.61 8.78
N GLU A 478 -1.95 -27.38 9.06
CA GLU A 478 -2.40 -26.22 8.32
C GLU A 478 -1.55 -26.01 7.07
N ILE A 479 -2.07 -25.21 6.15
CA ILE A 479 -1.26 -24.82 5.00
C ILE A 479 -0.37 -23.69 5.45
N GLN A 480 0.90 -23.74 5.04
CA GLN A 480 1.87 -22.73 5.41
C GLN A 480 2.71 -22.42 4.20
N TYR A 481 3.33 -21.24 4.22
CA TYR A 481 4.18 -20.84 3.12
C TYR A 481 5.45 -21.66 3.11
N THR A 482 5.82 -22.15 1.94
CA THR A 482 6.99 -23.02 1.82
C THR A 482 7.77 -22.63 0.59
N ASN A 483 9.02 -23.05 0.55
CA ASN A 483 9.95 -22.74 -0.54
C ASN A 483 9.84 -23.73 -1.70
N ASN A 484 8.64 -23.98 -2.22
CA ASN A 484 8.42 -25.06 -3.17
C ASN A 484 8.75 -24.62 -4.60
N TYR A 485 9.75 -25.26 -5.20
CA TYR A 485 10.15 -25.00 -6.58
C TYR A 485 10.63 -26.29 -7.21
N ASN A 486 10.06 -26.64 -8.35
CA ASN A 486 10.36 -27.93 -8.99
C ASN A 486 11.68 -27.81 -9.75
N ASP A 487 12.79 -27.89 -9.00
CA ASP A 487 14.18 -27.71 -9.45
C ASP A 487 14.33 -26.42 -10.24
N PRO A 488 14.34 -25.27 -9.57
CA PRO A 488 14.41 -23.99 -10.28
C PRO A 488 15.79 -23.78 -10.89
N GLN A 489 15.84 -22.82 -11.81
CA GLN A 489 17.10 -22.37 -12.39
C GLN A 489 17.78 -21.32 -11.54
N PHE A 490 17.17 -20.92 -10.43
CA PHE A 490 17.67 -19.86 -9.57
C PHE A 490 17.02 -19.94 -8.19
N VAL A 491 17.75 -19.56 -7.16
CA VAL A 491 17.13 -19.40 -5.85
C VAL A 491 16.32 -18.12 -5.83
N ASP A 492 15.14 -18.20 -5.26
CA ASP A 492 14.19 -17.10 -5.22
C ASP A 492 14.41 -16.31 -3.94
N PHE A 493 14.08 -15.01 -4.00
CA PHE A 493 14.34 -14.03 -2.92
C PHE A 493 15.82 -14.01 -2.56
N ALA A 494 16.65 -13.96 -3.59
CA ALA A 494 18.11 -14.05 -3.51
C ALA A 494 18.64 -13.60 -4.87
N PRO A 495 19.91 -13.12 -4.96
CA PRO A 495 20.40 -12.59 -6.24
C PRO A 495 20.60 -13.62 -7.35
N ASP A 496 21.15 -13.15 -8.45
CA ASP A 496 21.45 -13.98 -9.62
C ASP A 496 22.86 -13.64 -10.07
N SER A 497 23.20 -14.07 -11.29
CA SER A 497 24.55 -13.94 -11.83
C SER A 497 24.98 -12.47 -11.95
N THR A 498 24.04 -11.60 -12.31
CA THR A 498 24.35 -10.17 -12.38
C THR A 498 24.46 -9.56 -11.00
N GLY A 499 23.56 -9.94 -10.10
CA GLY A 499 23.51 -9.36 -8.77
C GLY A 499 22.18 -8.69 -8.52
N GLU A 500 21.17 -9.07 -9.31
CA GLU A 500 19.83 -8.52 -9.19
C GLU A 500 19.02 -9.36 -8.23
N TYR A 501 18.53 -8.73 -7.17
CA TYR A 501 17.66 -9.40 -6.22
C TYR A 501 16.33 -9.71 -6.88
N ARG A 502 15.99 -11.00 -6.89
CA ARG A 502 14.92 -11.51 -7.73
C ARG A 502 13.80 -12.06 -6.85
N THR A 503 12.64 -11.41 -6.90
CA THR A 503 11.42 -11.87 -6.26
C THR A 503 10.48 -12.35 -7.36
N THR A 504 10.02 -13.60 -7.25
CA THR A 504 9.20 -14.19 -8.28
C THR A 504 7.71 -14.10 -7.95
N ARG A 505 7.36 -14.15 -6.68
CA ARG A 505 5.95 -14.28 -6.33
C ARG A 505 5.61 -13.48 -5.08
N PRO A 506 4.38 -12.99 -4.95
CA PRO A 506 4.01 -12.24 -3.75
C PRO A 506 3.78 -13.19 -2.57
N ILE A 507 3.93 -12.64 -1.37
CA ILE A 507 3.76 -13.44 -0.18
C ILE A 507 2.68 -12.81 0.70
N GLY A 508 1.60 -13.55 0.93
CA GLY A 508 0.50 -13.06 1.74
C GLY A 508 0.75 -13.17 3.23
N THR A 509 -0.31 -13.09 4.02
CA THR A 509 -0.14 -13.18 5.47
C THR A 509 -1.19 -14.12 6.04
N ARG A 510 -2.30 -14.31 5.33
CA ARG A 510 -3.35 -15.26 5.72
C ARG A 510 -2.92 -16.65 5.27
N TYR A 511 -2.26 -17.38 6.17
CA TYR A 511 -1.93 -18.78 5.92
C TYR A 511 -2.53 -19.68 6.99
N LEU A 512 -2.56 -19.25 8.25
CA LEU A 512 -3.18 -20.06 9.29
C LEU A 512 -4.68 -19.90 9.19
N THR A 513 -5.42 -20.85 9.72
CA THR A 513 -6.87 -20.76 9.68
C THR A 513 -7.43 -20.50 11.07
N ARG A 514 -8.71 -20.17 11.11
CA ARG A 514 -9.41 -19.82 12.33
C ARG A 514 -10.90 -19.97 12.08
N PRO A 515 -11.63 -20.60 13.01
CA PRO A 515 -13.08 -20.72 12.80
C PRO A 515 -13.79 -19.40 13.02
N LEU A 516 -14.92 -19.19 12.36
CA LEU A 516 -15.70 -17.97 12.57
C LEU A 516 -16.40 -18.01 13.92
#